data_6BK1
#
_entry.id   6BK1
#
_cell.length_a   59.462
_cell.length_b   83.219
_cell.length_c   98.670
_cell.angle_alpha   90.00
_cell.angle_beta   90.00
_cell.angle_gamma   90.00
#
_symmetry.space_group_name_H-M   'P 21 21 21'
#
loop_
_entity.id
_entity.type
_entity.pdbx_description
1 polymer 'UDP-glycosyltransferase 79'
2 non-polymer "URIDINE-5'-DIPHOSPHATE"
3 water water
#
_entity_poly.entity_id   1
_entity_poly.type   'polypeptide(L)'
_entity_poly.pdbx_seq_one_letter_code
;GMGSMSTPAASANGGQVLLLPFPAAQGHTNPMLQFGRRLAYHGLRPTLVTTRYVLSTTPPPGDPFRVAAISDGFDDASGM
AALPDPGEYLRTLEAHGARTLAELLLSEARAGRPARVLVYDPHLPWARRVARAAGVATAAFLSQPCAVDLIYGEVCARRL
ALPVTPTDARGLYARGVLGVELGPDDVPPFVAAPELTPAFCEQSIEQFAGLEDDDDVLVNSFSDLEPKEAAYMESTWRAK
TIGPSLPSFYLDDGRLRSNTAYGFNLFRSTVPCMEWLDKQPPRSVVLVSYGVVSTFDVAKLEELGNGLCNSGKPFLWVVR
SNEEHKLSVQLRKKCEKRGLIVPFCPQLEVLAHKATGCFLSHCGWNSTLEAIVNGVPLVAMPHWADQPTISKYVESLWGM
GVRVQLDKSGILQREEVERCIREVMDGDRKEDYRRNATRLMKKAKESMQEGGSSDKNIAEFAAKYSN
;
_entity_poly.pdbx_strand_id   A
#
loop_
_chem_comp.id
_chem_comp.type
_chem_comp.name
_chem_comp.formula
UDP RNA linking URIDINE-5'-DIPHOSPHATE 'C9 H14 N2 O12 P2'
#
# COMPACT_ATOMS: atom_id res chain seq x y z
N GLN A 16 12.51 -19.45 -10.41
CA GLN A 16 11.59 -19.36 -11.57
C GLN A 16 10.29 -18.56 -11.71
N VAL A 17 9.58 -18.15 -10.67
CA VAL A 17 8.68 -16.96 -10.82
C VAL A 17 9.53 -15.89 -10.13
N LEU A 18 9.94 -14.88 -10.93
CA LEU A 18 10.62 -13.73 -10.39
C LEU A 18 9.65 -12.68 -9.91
N LEU A 19 9.88 -12.12 -8.73
CA LEU A 19 9.07 -11.07 -8.15
C LEU A 19 9.93 -9.78 -7.98
N LEU A 20 9.53 -8.72 -8.64
CA LEU A 20 10.27 -7.49 -8.69
C LEU A 20 9.44 -6.33 -8.22
N PRO A 21 9.43 -6.09 -6.91
CA PRO A 21 8.79 -4.85 -6.39
C PRO A 21 9.61 -3.64 -6.60
N PHE A 22 9.04 -2.45 -6.44
CA PHE A 22 9.79 -1.23 -6.47
C PHE A 22 10.78 -1.34 -5.30
N PRO A 23 12.03 -1.04 -5.54
CA PRO A 23 13.00 -1.29 -4.41
C PRO A 23 12.78 -0.41 -3.13
N ALA A 24 12.84 -1.05 -1.95
CA ALA A 24 12.69 -0.40 -0.63
C ALA A 24 11.28 0.10 -0.26
N ALA A 25 10.27 -0.19 -1.09
CA ALA A 25 8.87 0.14 -0.83
C ALA A 25 8.18 -1.09 -0.16
N GLN A 26 8.11 -1.14 1.17
CA GLN A 26 7.61 -2.38 1.82
C GLN A 26 6.18 -2.66 1.45
N GLY A 27 5.45 -1.61 1.20
CA GLY A 27 4.05 -1.72 0.73
C GLY A 27 3.88 -2.38 -0.63
N HIS A 28 4.97 -2.56 -1.38
CA HIS A 28 4.86 -3.24 -2.68
C HIS A 28 5.46 -4.61 -2.51
N THR A 29 6.53 -4.61 -1.68
CA THR A 29 7.23 -5.92 -1.29
C THR A 29 6.35 -6.93 -0.57
N ASN A 30 5.72 -6.54 0.55
CA ASN A 30 4.95 -7.47 1.27
C ASN A 30 3.85 -8.13 0.47
N PRO A 31 3.02 -7.38 -0.21
CA PRO A 31 2.00 -8.06 -0.92
C PRO A 31 2.48 -8.95 -2.06
N MET A 32 3.58 -8.55 -2.69
CA MET A 32 4.12 -9.44 -3.74
C MET A 32 4.69 -10.74 -3.12
N LEU A 33 5.33 -10.65 -1.95
CA LEU A 33 5.81 -11.88 -1.29
C LEU A 33 4.66 -12.78 -0.92
N GLN A 34 3.53 -12.19 -0.42
CA GLN A 34 2.42 -13.02 -0.07
C GLN A 34 1.79 -13.73 -1.24
N PHE A 35 1.75 -13.08 -2.40
CA PHE A 35 1.34 -13.71 -3.66
C PHE A 35 2.30 -14.83 -3.98
N GLY A 36 3.55 -14.54 -3.88
CA GLY A 36 4.61 -15.58 -4.11
C GLY A 36 4.48 -16.79 -3.18
N ARG A 37 4.08 -16.63 -1.94
CA ARG A 37 3.83 -17.78 -1.05
C ARG A 37 2.71 -18.62 -1.52
N ARG A 38 1.63 -18.00 -2.00
CA ARG A 38 0.54 -18.81 -2.51
C ARG A 38 0.95 -19.55 -3.80
N LEU A 39 1.75 -18.91 -4.62
CA LEU A 39 2.29 -19.64 -5.79
C LEU A 39 3.16 -20.84 -5.36
N ALA A 40 3.92 -20.67 -4.29
CA ALA A 40 4.77 -21.80 -3.77
C ALA A 40 3.79 -22.91 -3.28
N TYR A 41 2.68 -22.57 -2.65
CA TYR A 41 1.65 -23.61 -2.25
C TYR A 41 1.21 -24.44 -3.39
N HIS A 42 1.14 -23.84 -4.58
CA HIS A 42 0.70 -24.50 -5.77
C HIS A 42 1.91 -25.13 -6.47
N GLY A 43 3.09 -25.13 -5.86
CA GLY A 43 4.26 -25.84 -6.31
C GLY A 43 5.18 -25.04 -7.27
N LEU A 44 4.97 -23.75 -7.41
CA LEU A 44 5.92 -22.86 -8.13
C LEU A 44 7.04 -22.41 -7.21
N ARG A 45 8.11 -21.88 -7.81
CA ARG A 45 9.33 -21.55 -7.15
C ARG A 45 9.61 -20.06 -7.23
N PRO A 46 9.30 -19.31 -6.16
CA PRO A 46 9.44 -17.83 -6.23
C PRO A 46 10.80 -17.33 -5.86
N THR A 47 11.26 -16.27 -6.54
CA THR A 47 12.46 -15.56 -6.19
C THR A 47 12.22 -14.08 -6.05
N LEU A 48 12.61 -13.54 -4.93
CA LEU A 48 12.53 -12.08 -4.72
C LEU A 48 13.71 -11.36 -5.36
N VAL A 49 13.46 -10.43 -6.23
CA VAL A 49 14.48 -9.66 -6.93
C VAL A 49 14.54 -8.29 -6.31
N THR A 50 15.70 -7.95 -5.72
CA THR A 50 15.87 -6.69 -5.04
C THR A 50 17.17 -6.05 -5.44
N THR A 51 17.45 -4.85 -4.94
CA THR A 51 18.77 -4.27 -5.26
C THR A 51 19.91 -4.86 -4.43
N ARG A 52 21.12 -4.70 -4.97
CA ARG A 52 22.31 -5.15 -4.33
C ARG A 52 22.40 -4.47 -2.99
N TYR A 53 22.01 -3.20 -2.92
CA TYR A 53 22.04 -2.52 -1.63
C TYR A 53 21.11 -3.15 -0.63
N VAL A 54 19.83 -3.23 -1.00
CA VAL A 54 18.83 -3.82 -0.10
C VAL A 54 19.30 -5.25 0.31
N LEU A 55 19.84 -6.01 -0.63
CA LEU A 55 20.31 -7.40 -0.33
C LEU A 55 21.42 -7.43 0.75
N SER A 56 22.45 -6.61 0.57
CA SER A 56 23.55 -6.48 1.57
C SER A 56 23.04 -6.03 2.99
N THR A 57 21.99 -5.22 3.03
CA THR A 57 21.56 -4.53 4.24
C THR A 57 20.18 -4.94 4.81
N THR A 58 19.64 -6.08 4.37
CA THR A 58 18.31 -6.54 4.84
C THR A 58 18.34 -8.05 4.95
N PRO A 59 17.62 -8.60 5.96
CA PRO A 59 17.62 -10.06 5.96
C PRO A 59 16.71 -10.56 4.82
N PRO A 60 17.03 -11.71 4.24
CA PRO A 60 16.25 -12.26 3.16
C PRO A 60 14.93 -12.82 3.69
N PRO A 61 14.00 -13.13 2.79
CA PRO A 61 12.67 -13.52 3.20
C PRO A 61 12.55 -14.92 3.71
N GLY A 62 13.49 -15.79 3.38
CA GLY A 62 13.45 -17.19 3.79
C GLY A 62 12.57 -18.06 2.93
N ASP A 63 12.44 -19.34 3.25
CA ASP A 63 11.63 -20.27 2.48
C ASP A 63 10.22 -19.75 2.37
N PRO A 64 9.63 -19.83 1.19
CA PRO A 64 10.03 -20.60 0.05
C PRO A 64 10.88 -19.84 -1.01
N PHE A 65 11.35 -18.73 -0.64
CA PHE A 65 11.99 -17.78 -1.58
C PHE A 65 13.50 -17.97 -1.76
N ARG A 66 13.90 -17.93 -3.04
CA ARG A 66 15.25 -17.50 -3.37
C ARG A 66 15.33 -16.02 -3.42
N VAL A 67 16.54 -15.45 -3.38
CA VAL A 67 16.75 -14.05 -3.60
C VAL A 67 17.77 -13.82 -4.72
N ALA A 68 17.55 -12.78 -5.48
CA ALA A 68 18.49 -12.33 -6.48
C ALA A 68 18.54 -10.80 -6.54
N ALA A 69 19.65 -10.28 -7.09
CA ALA A 69 19.89 -8.89 -7.13
C ALA A 69 20.09 -8.28 -8.50
N ILE A 70 19.56 -7.07 -8.57
CA ILE A 70 19.89 -6.09 -9.58
C ILE A 70 20.52 -4.88 -8.87
N SER A 71 20.97 -3.94 -9.70
CA SER A 71 21.59 -2.72 -9.20
C SER A 71 20.77 -1.53 -9.58
N ASP A 72 20.69 -0.57 -8.70
CA ASP A 72 20.15 0.75 -9.04
C ASP A 72 21.24 1.82 -9.24
N GLY A 73 22.50 1.43 -9.29
CA GLY A 73 23.63 2.42 -9.40
C GLY A 73 24.42 2.60 -8.11
N PHE A 74 23.85 2.11 -7.02
CA PHE A 74 24.30 2.35 -5.67
C PHE A 74 24.24 1.10 -4.88
N ASP A 75 25.27 0.29 -5.03
CA ASP A 75 25.32 -1.00 -4.38
C ASP A 75 25.77 -1.00 -2.90
N ASP A 76 26.45 0.09 -2.48
CA ASP A 76 27.08 0.23 -1.15
C ASP A 76 26.47 1.31 -0.27
N ALA A 77 25.67 2.20 -0.87
CA ALA A 77 24.90 3.19 -0.15
C ALA A 77 23.49 3.22 -0.72
N SER A 78 22.57 3.88 -0.01
CA SER A 78 21.23 4.08 -0.53
C SER A 78 21.25 5.07 -1.70
N GLY A 79 20.87 4.60 -2.90
CA GLY A 79 20.67 5.45 -4.09
C GLY A 79 19.62 6.54 -3.93
N MET A 80 18.56 6.22 -3.18
CA MET A 80 17.48 7.17 -2.97
C MET A 80 17.96 8.35 -2.14
N ALA A 81 18.66 8.03 -1.04
CA ALA A 81 19.36 9.02 -0.22
C ALA A 81 20.26 9.93 -1.06
N ALA A 82 21.19 9.33 -1.82
CA ALA A 82 22.10 10.08 -2.72
C ALA A 82 21.39 10.92 -3.76
N LEU A 83 20.25 10.42 -4.28
CA LEU A 83 19.53 11.06 -5.40
C LEU A 83 18.11 11.39 -4.99
N PRO A 84 17.97 12.39 -4.11
CA PRO A 84 16.64 12.67 -3.54
C PRO A 84 15.67 13.37 -4.53
N ASP A 85 16.14 13.82 -5.68
CA ASP A 85 15.24 14.34 -6.73
C ASP A 85 14.61 13.09 -7.35
N PRO A 86 13.26 12.97 -7.29
CA PRO A 86 12.69 11.68 -7.77
C PRO A 86 13.00 11.31 -9.21
N GLY A 87 12.94 12.23 -10.16
CA GLY A 87 13.21 11.92 -11.54
C GLY A 87 14.65 11.47 -11.76
N GLU A 88 15.59 12.08 -11.02
CA GLU A 88 16.97 11.62 -11.11
C GLU A 88 17.21 10.17 -10.61
N TYR A 89 16.68 9.84 -9.45
CA TYR A 89 16.76 8.50 -8.94
C TYR A 89 16.09 7.57 -10.02
N LEU A 90 14.91 7.93 -10.51
CA LEU A 90 14.21 6.97 -11.37
C LEU A 90 14.95 6.75 -12.69
N ARG A 91 15.59 7.77 -13.31
CA ARG A 91 16.37 7.54 -14.52
C ARG A 91 17.63 6.67 -14.24
N THR A 92 18.21 6.80 -13.04
CA THR A 92 19.39 6.00 -12.59
C THR A 92 19.06 4.51 -12.39
N LEU A 93 17.93 4.34 -11.69
CA LEU A 93 17.37 2.98 -11.47
C LEU A 93 17.05 2.32 -12.84
N GLU A 94 16.43 3.06 -13.77
CA GLU A 94 16.10 2.53 -15.07
C GLU A 94 17.40 2.13 -15.72
N ALA A 95 18.40 3.02 -15.76
CA ALA A 95 19.56 2.66 -16.57
C ALA A 95 20.32 1.43 -15.99
N HIS A 96 20.63 1.49 -14.69
CA HIS A 96 21.32 0.38 -14.02
C HIS A 96 20.45 -0.88 -13.86
N GLY A 97 19.21 -0.62 -13.50
CA GLY A 97 18.26 -1.76 -13.29
C GLY A 97 18.01 -2.50 -14.55
N ALA A 98 17.71 -1.84 -15.65
CA ALA A 98 17.40 -2.52 -16.94
C ALA A 98 18.63 -3.36 -17.39
N ARG A 99 19.82 -2.80 -17.19
CA ARG A 99 21.04 -3.54 -17.57
C ARG A 99 21.21 -4.79 -16.73
N THR A 100 21.12 -4.62 -15.42
CA THR A 100 21.39 -5.71 -14.47
C THR A 100 20.21 -6.70 -14.48
N LEU A 101 19.01 -6.24 -14.75
CA LEU A 101 17.90 -7.21 -14.89
C LEU A 101 18.10 -8.07 -16.12
N ALA A 102 18.56 -7.49 -17.24
CA ALA A 102 18.86 -8.33 -18.37
C ALA A 102 19.96 -9.32 -18.07
N GLU A 103 20.99 -8.86 -17.37
CA GLU A 103 22.07 -9.82 -17.01
C GLU A 103 21.58 -10.94 -16.11
N LEU A 104 20.64 -10.63 -15.24
CA LEU A 104 20.12 -11.62 -14.29
C LEU A 104 19.26 -12.62 -15.00
N LEU A 105 18.43 -12.21 -15.97
CA LEU A 105 17.65 -13.15 -16.69
C LEU A 105 18.61 -14.20 -17.43
N LEU A 106 19.70 -13.67 -17.94
CA LEU A 106 20.64 -14.60 -18.64
C LEU A 106 21.37 -15.45 -17.63
N SER A 107 21.90 -14.85 -16.58
CA SER A 107 22.62 -15.70 -15.59
C SER A 107 21.71 -16.76 -15.02
N GLU A 108 20.49 -16.41 -14.64
CA GLU A 108 19.57 -17.44 -14.16
C GLU A 108 19.31 -18.55 -15.13
N ALA A 109 19.06 -18.27 -16.41
CA ALA A 109 18.94 -19.28 -17.40
C ALA A 109 20.24 -20.16 -17.50
N ARG A 110 21.36 -19.52 -17.41
CA ARG A 110 22.66 -20.27 -17.58
C ARG A 110 22.86 -21.17 -16.34
N ALA A 111 22.31 -20.76 -15.20
CA ALA A 111 22.39 -21.55 -13.94
C ALA A 111 21.32 -22.61 -13.84
N GLY A 112 20.59 -22.88 -14.89
CA GLY A 112 19.54 -23.83 -14.94
C GLY A 112 18.27 -23.38 -14.17
N ARG A 113 18.12 -22.07 -13.95
CA ARG A 113 16.86 -21.53 -13.35
C ARG A 113 16.24 -20.47 -14.29
N PRO A 114 15.92 -20.82 -15.54
CA PRO A 114 15.31 -19.84 -16.43
C PRO A 114 14.00 -19.30 -15.87
N ALA A 115 13.79 -18.01 -16.00
CA ALA A 115 12.55 -17.42 -15.46
C ALA A 115 11.33 -17.77 -16.29
N ARG A 116 10.32 -18.32 -15.60
CA ARG A 116 9.05 -18.67 -16.21
C ARG A 116 8.20 -17.44 -16.50
N VAL A 117 8.23 -16.55 -15.49
CA VAL A 117 7.44 -15.29 -15.59
C VAL A 117 8.11 -14.31 -14.61
N LEU A 118 8.00 -13.05 -14.97
CA LEU A 118 8.39 -11.95 -14.13
C LEU A 118 7.12 -11.21 -13.70
N VAL A 119 6.90 -11.21 -12.37
CA VAL A 119 5.84 -10.42 -11.81
C VAL A 119 6.47 -9.17 -11.29
N TYR A 120 6.08 -8.03 -11.82
CA TYR A 120 6.78 -6.77 -11.60
C TYR A 120 5.83 -5.63 -11.26
N ASP A 121 6.35 -4.68 -10.48
CA ASP A 121 5.59 -3.46 -10.15
C ASP A 121 5.70 -2.54 -11.34
N PRO A 122 4.59 -2.12 -11.95
CA PRO A 122 4.64 -1.23 -13.12
C PRO A 122 5.15 0.18 -12.88
N HIS A 123 5.38 0.51 -11.67
CA HIS A 123 6.25 1.69 -11.34
C HIS A 123 7.68 1.47 -11.84
N LEU A 124 8.04 0.26 -12.36
CA LEU A 124 9.26 -0.13 -13.14
C LEU A 124 8.89 -0.55 -14.53
N PRO A 125 8.43 0.38 -15.30
CA PRO A 125 7.91 -0.03 -16.60
C PRO A 125 8.89 -0.61 -17.60
N TRP A 126 10.25 -0.36 -17.46
CA TRP A 126 11.38 -0.88 -18.17
C TRP A 126 11.56 -2.38 -17.93
N ALA A 127 10.98 -2.86 -16.81
CA ALA A 127 11.12 -4.29 -16.50
C ALA A 127 10.43 -5.12 -17.50
N ARG A 128 9.29 -4.67 -17.97
CA ARG A 128 8.45 -5.35 -18.96
C ARG A 128 9.27 -5.51 -20.27
N ARG A 129 9.88 -4.42 -20.72
CA ARG A 129 10.59 -4.51 -22.02
C ARG A 129 11.79 -5.41 -21.94
N VAL A 130 12.47 -5.41 -20.80
CA VAL A 130 13.66 -6.21 -20.57
C VAL A 130 13.28 -7.69 -20.61
N ALA A 131 12.19 -8.03 -19.81
CA ALA A 131 11.77 -9.40 -19.81
C ALA A 131 11.24 -9.93 -21.15
N ARG A 132 10.42 -9.18 -21.84
CA ARG A 132 9.79 -9.54 -23.09
C ARG A 132 10.95 -9.76 -24.13
N ALA A 133 11.97 -8.95 -24.02
CA ALA A 133 13.17 -9.12 -24.94
C ALA A 133 14.04 -10.32 -24.64
N ALA A 134 13.97 -10.87 -23.43
CA ALA A 134 14.54 -12.14 -23.04
C ALA A 134 13.64 -13.35 -23.27
N GLY A 135 12.44 -13.09 -23.79
CA GLY A 135 11.42 -14.08 -24.00
C GLY A 135 10.73 -14.62 -22.74
N VAL A 136 10.71 -13.78 -21.69
CA VAL A 136 10.12 -14.14 -20.39
C VAL A 136 8.73 -13.51 -20.32
N ALA A 137 7.76 -14.33 -19.89
CA ALA A 137 6.39 -13.80 -19.71
C ALA A 137 6.39 -12.74 -18.61
N THR A 138 5.41 -11.82 -18.70
CA THR A 138 5.32 -10.72 -17.76
C THR A 138 3.93 -10.57 -17.15
N ALA A 139 3.91 -10.24 -15.88
CA ALA A 139 2.69 -10.06 -15.12
C ALA A 139 2.82 -8.79 -14.28
N ALA A 140 2.07 -7.77 -14.62
CA ALA A 140 2.08 -6.56 -13.84
C ALA A 140 1.35 -6.79 -12.51
N PHE A 141 1.90 -6.23 -11.45
CA PHE A 141 1.35 -6.33 -10.07
C PHE A 141 1.11 -4.97 -9.51
N LEU A 142 -0.18 -4.52 -9.57
CA LEU A 142 -0.59 -3.18 -9.07
C LEU A 142 -0.86 -3.25 -7.58
N SER A 143 -0.14 -2.42 -6.79
CA SER A 143 -0.32 -2.43 -5.39
C SER A 143 -1.16 -1.24 -4.90
N GLN A 144 -1.91 -0.60 -5.77
CA GLN A 144 -2.77 0.51 -5.42
C GLN A 144 -4.21 0.13 -5.72
N PRO A 145 -5.19 0.80 -5.21
CA PRO A 145 -6.62 0.40 -5.44
C PRO A 145 -7.05 0.62 -6.87
N CYS A 146 -7.98 -0.21 -7.30
CA CYS A 146 -8.54 -0.06 -8.62
C CYS A 146 -9.05 1.32 -8.88
N ALA A 147 -9.68 2.00 -7.92
CA ALA A 147 -10.21 3.36 -8.15
C ALA A 147 -9.14 4.30 -8.58
N VAL A 148 -7.93 4.26 -8.00
CA VAL A 148 -6.83 5.14 -8.38
C VAL A 148 -6.22 4.65 -9.65
N ASP A 149 -5.99 3.36 -9.78
CA ASP A 149 -5.35 2.75 -10.92
C ASP A 149 -6.12 3.17 -12.18
N LEU A 150 -7.43 3.06 -12.16
CA LEU A 150 -8.20 3.26 -13.42
C LEU A 150 -8.12 4.74 -13.81
N ILE A 151 -7.99 5.71 -12.93
CA ILE A 151 -7.85 7.12 -13.28
C ILE A 151 -6.55 7.33 -14.00
N TYR A 152 -5.46 6.81 -13.46
CA TYR A 152 -4.17 6.88 -14.14
C TYR A 152 -4.27 6.21 -15.52
N GLY A 153 -4.99 5.08 -15.66
CA GLY A 153 -5.06 4.37 -16.93
C GLY A 153 -5.82 5.22 -17.91
N GLU A 154 -6.87 5.92 -17.52
CA GLU A 154 -7.64 6.77 -18.44
C GLU A 154 -6.77 7.87 -19.02
N VAL A 155 -5.92 8.44 -18.22
CA VAL A 155 -4.91 9.47 -18.72
C VAL A 155 -3.97 8.78 -19.65
N CYS A 156 -3.43 7.61 -19.30
CA CYS A 156 -2.45 6.93 -20.18
C CYS A 156 -3.07 6.68 -21.53
N ALA A 157 -4.33 6.23 -21.56
CA ALA A 157 -5.07 5.83 -22.79
C ALA A 157 -5.56 7.05 -23.58
N ARG A 158 -5.22 8.25 -23.11
CA ARG A 158 -5.59 9.49 -23.75
C ARG A 158 -7.10 9.71 -23.85
N ARG A 159 -7.83 9.18 -22.90
CA ARG A 159 -9.20 9.52 -22.69
C ARG A 159 -9.54 10.63 -21.74
N LEU A 160 -8.58 10.98 -20.88
CA LEU A 160 -8.63 12.16 -20.01
C LEU A 160 -7.32 12.93 -20.22
N ALA A 161 -7.47 14.27 -20.38
CA ALA A 161 -6.30 15.15 -20.35
C ALA A 161 -5.78 15.42 -18.97
N LEU A 162 -4.57 15.95 -18.83
CA LEU A 162 -4.10 16.53 -17.60
C LEU A 162 -4.36 18.00 -17.56
N PRO A 163 -4.69 18.54 -16.41
CA PRO A 163 -5.00 17.75 -15.20
C PRO A 163 -6.33 17.16 -15.18
N VAL A 164 -6.46 16.06 -14.36
CA VAL A 164 -7.73 15.47 -14.15
C VAL A 164 -8.56 16.30 -13.15
N THR A 165 -9.83 16.49 -13.45
CA THR A 165 -10.68 17.34 -12.65
C THR A 165 -11.75 16.59 -11.96
N PRO A 166 -12.36 17.19 -10.91
CA PRO A 166 -13.62 16.66 -10.41
C PRO A 166 -14.68 16.40 -11.40
N THR A 167 -14.84 17.30 -12.41
CA THR A 167 -15.81 17.01 -13.46
C THR A 167 -15.50 15.70 -14.21
N ASP A 168 -14.24 15.43 -14.50
CA ASP A 168 -13.82 14.14 -15.13
C ASP A 168 -14.22 12.96 -14.21
N ALA A 169 -13.89 13.11 -12.90
CA ALA A 169 -14.34 12.05 -11.94
C ALA A 169 -15.84 11.84 -11.82
N ARG A 170 -16.61 12.94 -11.88
CA ARG A 170 -18.05 12.82 -11.85
C ARG A 170 -18.60 12.04 -13.03
N GLY A 171 -17.97 12.23 -14.23
CA GLY A 171 -18.30 11.44 -15.39
C GLY A 171 -18.10 9.95 -15.20
N LEU A 172 -16.95 9.62 -14.60
CA LEU A 172 -16.66 8.25 -14.30
C LEU A 172 -17.65 7.69 -13.33
N TYR A 173 -18.07 8.45 -12.31
CA TYR A 173 -19.16 8.04 -11.40
C TYR A 173 -20.51 7.81 -12.15
N ALA A 174 -20.87 8.81 -12.99
CA ALA A 174 -22.06 8.74 -13.73
C ALA A 174 -22.13 7.56 -14.64
N ARG A 175 -21.00 7.12 -15.23
CA ARG A 175 -20.91 6.02 -16.09
C ARG A 175 -20.79 4.67 -15.39
N GLY A 176 -20.80 4.67 -14.04
CA GLY A 176 -20.76 3.44 -13.27
C GLY A 176 -19.40 2.80 -13.14
N VAL A 177 -18.38 3.60 -13.30
CA VAL A 177 -16.98 3.08 -13.28
C VAL A 177 -16.40 3.37 -11.86
N LEU A 178 -16.55 4.59 -11.31
CA LEU A 178 -16.28 4.87 -9.91
C LEU A 178 -17.49 4.81 -9.11
N GLY A 179 -17.37 4.28 -7.93
CA GLY A 179 -18.49 4.07 -7.00
C GLY A 179 -18.78 5.26 -6.11
N VAL A 180 -17.98 6.30 -6.15
CA VAL A 180 -18.19 7.51 -5.35
C VAL A 180 -17.77 8.70 -6.23
N GLU A 181 -18.34 9.86 -5.93
CA GLU A 181 -18.04 11.09 -6.63
C GLU A 181 -16.92 11.74 -5.89
N LEU A 182 -15.77 11.92 -6.54
CA LEU A 182 -14.58 12.50 -6.03
C LEU A 182 -14.55 14.05 -6.22
N GLY A 183 -14.38 14.76 -5.14
CA GLY A 183 -14.21 16.21 -5.25
C GLY A 183 -12.79 16.58 -5.34
N PRO A 184 -12.44 17.88 -5.25
CA PRO A 184 -11.10 18.31 -5.35
C PRO A 184 -10.02 17.79 -4.42
N ASP A 185 -10.50 17.47 -3.23
CA ASP A 185 -9.61 16.96 -2.19
C ASP A 185 -9.58 15.43 -2.25
N ASP A 186 -10.25 14.85 -3.19
CA ASP A 186 -10.37 13.37 -3.29
C ASP A 186 -9.74 12.79 -4.57
N VAL A 187 -9.61 13.56 -5.66
CA VAL A 187 -8.98 13.11 -6.86
C VAL A 187 -7.48 12.93 -6.67
N PRO A 188 -6.83 11.94 -7.32
CA PRO A 188 -5.42 11.69 -7.06
C PRO A 188 -4.50 12.87 -7.39
N PRO A 189 -3.83 13.45 -6.42
CA PRO A 189 -3.07 14.67 -6.71
C PRO A 189 -2.01 14.53 -7.81
N PHE A 190 -1.43 13.38 -8.02
CA PHE A 190 -0.37 13.18 -9.05
C PHE A 190 -0.93 13.51 -10.38
N VAL A 191 -2.22 13.32 -10.63
CA VAL A 191 -2.84 13.79 -11.92
C VAL A 191 -3.74 14.95 -11.80
N ALA A 192 -4.29 15.31 -10.62
CA ALA A 192 -5.08 16.51 -10.49
C ALA A 192 -4.23 17.77 -10.27
N ALA A 193 -3.04 17.63 -9.76
CA ALA A 193 -2.11 18.77 -9.50
C ALA A 193 -0.73 18.32 -9.94
N PRO A 194 -0.61 17.94 -11.22
CA PRO A 194 0.62 17.31 -11.68
C PRO A 194 1.93 18.18 -11.56
N GLU A 195 1.73 19.49 -11.63
CA GLU A 195 2.89 20.40 -11.44
C GLU A 195 3.60 20.27 -10.10
N LEU A 196 2.89 19.84 -9.06
CA LEU A 196 3.52 19.63 -7.79
C LEU A 196 4.48 18.48 -7.74
N THR A 197 4.28 17.46 -8.59
CA THR A 197 5.06 16.23 -8.51
C THR A 197 5.23 15.71 -9.91
N PRO A 198 6.07 16.35 -10.73
CA PRO A 198 6.15 15.93 -12.13
C PRO A 198 6.57 14.49 -12.38
N ALA A 199 7.61 14.06 -11.68
CA ALA A 199 8.16 12.71 -11.88
C ALA A 199 7.07 11.71 -11.40
N PHE A 200 6.39 12.01 -10.30
CA PHE A 200 5.38 11.00 -9.81
C PHE A 200 4.18 10.93 -10.71
N CYS A 201 3.83 12.04 -11.34
CA CYS A 201 2.74 12.11 -12.34
C CYS A 201 3.13 11.20 -13.47
N GLU A 202 4.31 11.47 -14.09
CA GLU A 202 4.67 10.63 -15.21
C GLU A 202 4.76 9.14 -14.83
N GLN A 203 5.25 8.82 -13.67
CA GLN A 203 5.50 7.40 -13.26
C GLN A 203 4.07 6.76 -13.15
N SER A 204 3.17 7.54 -12.57
CA SER A 204 1.77 6.99 -12.29
C SER A 204 1.10 6.65 -13.63
N ILE A 205 1.22 7.51 -14.61
CA ILE A 205 0.62 7.27 -15.92
C ILE A 205 1.37 6.21 -16.72
N GLU A 206 2.71 6.20 -16.68
CA GLU A 206 3.52 5.21 -17.43
C GLU A 206 3.38 3.79 -16.99
N GLN A 207 2.83 3.55 -15.79
CA GLN A 207 2.50 2.22 -15.34
C GLN A 207 1.71 1.54 -16.44
N PHE A 208 0.83 2.30 -17.15
CA PHE A 208 -0.10 1.72 -18.11
C PHE A 208 0.39 1.66 -19.52
N ALA A 209 1.58 2.23 -19.76
CA ALA A 209 2.06 2.32 -21.15
C ALA A 209 2.72 0.99 -21.54
N GLY A 210 2.04 0.25 -22.32
CA GLY A 210 2.51 -1.04 -22.69
C GLY A 210 1.95 -2.17 -21.87
N LEU A 211 1.08 -1.85 -20.91
CA LEU A 211 0.49 -2.89 -20.09
C LEU A 211 -0.30 -3.86 -20.95
N GLU A 212 -0.90 -3.41 -22.05
CA GLU A 212 -1.59 -4.33 -22.92
C GLU A 212 -0.74 -5.47 -23.46
N ASP A 213 0.58 -5.31 -23.45
CA ASP A 213 1.55 -6.33 -23.96
C ASP A 213 1.80 -7.40 -22.92
N ASP A 214 1.39 -7.16 -21.63
CA ASP A 214 1.64 -8.18 -20.64
C ASP A 214 0.83 -9.43 -20.77
N ASP A 215 1.37 -10.56 -20.32
CA ASP A 215 0.62 -11.79 -20.28
C ASP A 215 -0.50 -11.79 -19.24
N ASP A 216 -0.25 -11.12 -18.14
CA ASP A 216 -1.22 -11.02 -17.06
C ASP A 216 -1.09 -9.70 -16.39
N VAL A 217 -2.25 -9.23 -15.81
CA VAL A 217 -2.27 -7.99 -15.04
C VAL A 217 -3.02 -8.36 -13.75
N LEU A 218 -2.39 -8.06 -12.62
CA LEU A 218 -2.89 -8.43 -11.27
C LEU A 218 -3.01 -7.17 -10.46
N VAL A 219 -3.99 -7.15 -9.54
CA VAL A 219 -4.18 -6.01 -8.66
C VAL A 219 -4.39 -6.52 -7.22
N ASN A 220 -3.72 -5.89 -6.24
CA ASN A 220 -3.93 -6.24 -4.85
C ASN A 220 -5.18 -5.52 -4.29
N SER A 221 -6.33 -6.06 -4.63
CA SER A 221 -7.62 -5.59 -4.08
C SER A 221 -8.52 -6.75 -4.16
N PHE A 222 -9.79 -6.56 -3.75
CA PHE A 222 -10.84 -7.58 -3.93
C PHE A 222 -12.11 -6.96 -4.47
N SER A 223 -12.80 -7.74 -5.32
CA SER A 223 -13.92 -7.21 -6.04
C SER A 223 -15.04 -6.69 -5.17
N ASP A 224 -15.31 -7.31 -4.03
CA ASP A 224 -16.43 -6.83 -3.26
C ASP A 224 -16.16 -5.45 -2.63
N LEU A 225 -14.89 -5.07 -2.45
CA LEU A 225 -14.56 -3.80 -1.86
C LEU A 225 -14.74 -2.66 -2.90
N GLU A 226 -14.35 -3.03 -4.17
CA GLU A 226 -14.33 -2.03 -5.21
C GLU A 226 -15.05 -2.57 -6.42
N PRO A 227 -16.35 -2.84 -6.38
CA PRO A 227 -16.96 -3.65 -7.41
C PRO A 227 -16.94 -2.99 -8.77
N LYS A 228 -17.33 -1.74 -8.86
CA LYS A 228 -17.39 -1.11 -10.20
C LYS A 228 -16.00 -0.97 -10.72
N GLU A 229 -15.06 -0.58 -9.87
CA GLU A 229 -13.70 -0.24 -10.28
C GLU A 229 -12.98 -1.52 -10.67
N ALA A 230 -13.10 -2.61 -9.92
CA ALA A 230 -12.52 -3.84 -10.29
C ALA A 230 -13.08 -4.37 -11.57
N ALA A 231 -14.38 -4.19 -11.77
CA ALA A 231 -14.98 -4.71 -13.02
C ALA A 231 -14.40 -3.92 -14.21
N TYR A 232 -14.31 -2.61 -14.06
CA TYR A 232 -13.80 -1.79 -15.13
C TYR A 232 -12.31 -2.12 -15.37
N MET A 233 -11.51 -2.32 -14.35
CA MET A 233 -10.09 -2.66 -14.54
C MET A 233 -9.98 -3.97 -15.24
N GLU A 234 -10.85 -4.92 -14.97
CA GLU A 234 -10.82 -6.26 -15.64
C GLU A 234 -11.18 -6.11 -17.11
N SER A 235 -12.24 -5.39 -17.41
CA SER A 235 -12.69 -5.24 -18.83
C SER A 235 -11.70 -4.40 -19.58
N THR A 236 -11.09 -3.42 -19.01
CA THR A 236 -10.27 -2.47 -19.73
C THR A 236 -8.83 -2.96 -19.86
N TRP A 237 -8.27 -3.45 -18.74
CA TRP A 237 -6.83 -3.75 -18.65
C TRP A 237 -6.57 -5.25 -18.41
N ARG A 238 -7.59 -6.11 -18.34
CA ARG A 238 -7.46 -7.51 -17.97
C ARG A 238 -6.98 -7.71 -16.56
N ALA A 239 -7.19 -6.68 -15.67
CA ALA A 239 -6.65 -6.80 -14.33
C ALA A 239 -7.46 -7.76 -13.49
N LYS A 240 -6.79 -8.65 -12.80
CA LYS A 240 -7.39 -9.67 -11.96
C LYS A 240 -7.07 -9.36 -10.51
N THR A 241 -8.10 -9.29 -9.67
CA THR A 241 -7.90 -9.13 -8.24
C THR A 241 -7.31 -10.35 -7.60
N ILE A 242 -6.30 -10.16 -6.77
CA ILE A 242 -5.62 -11.19 -6.09
C ILE A 242 -5.34 -10.99 -4.57
N GLY A 243 -6.13 -10.03 -4.03
CA GLY A 243 -5.91 -9.61 -2.68
C GLY A 243 -7.15 -9.72 -1.81
N PRO A 244 -7.03 -9.30 -0.52
CA PRO A 244 -5.82 -8.65 0.02
C PRO A 244 -4.68 -9.67 0.19
N SER A 245 -3.54 -9.32 -0.36
CA SER A 245 -2.35 -10.18 -0.37
C SER A 245 -1.63 -10.05 0.95
N LEU A 246 -2.13 -10.80 1.92
CA LEU A 246 -1.69 -10.75 3.33
C LEU A 246 -1.46 -12.17 3.85
N PRO A 247 -0.79 -12.33 4.99
CA PRO A 247 -0.64 -13.66 5.51
C PRO A 247 -1.94 -14.38 5.75
N SER A 248 -1.93 -15.66 5.40
CA SER A 248 -3.14 -16.47 5.45
C SER A 248 -3.74 -16.53 6.83
N PHE A 249 -2.94 -16.45 7.89
CA PHE A 249 -3.46 -16.44 9.26
C PHE A 249 -4.52 -15.32 9.46
N TYR A 250 -4.21 -14.16 8.89
CA TYR A 250 -5.10 -12.99 9.06
C TYR A 250 -6.37 -13.13 8.30
N LEU A 251 -6.37 -13.93 7.21
CA LEU A 251 -7.52 -14.19 6.40
C LEU A 251 -8.33 -15.38 6.77
N ASP A 252 -7.95 -15.99 7.92
CA ASP A 252 -8.62 -17.23 8.43
C ASP A 252 -8.63 -18.34 7.41
N ASP A 253 -7.55 -18.45 6.67
CA ASP A 253 -7.35 -19.50 5.60
C ASP A 253 -6.41 -20.57 6.08
N GLY A 254 -7.06 -21.66 6.51
CA GLY A 254 -6.38 -22.85 6.99
C GLY A 254 -5.66 -23.76 6.03
N ARG A 255 -5.82 -23.62 4.70
CA ARG A 255 -4.91 -24.31 3.76
C ARG A 255 -3.44 -23.94 3.90
N PHE A 267 2.54 -16.19 14.68
CA PHE A 267 1.22 -15.86 15.26
C PHE A 267 1.42 -14.66 16.25
N ARG A 268 2.49 -14.73 17.00
CA ARG A 268 2.57 -13.94 18.19
C ARG A 268 3.99 -13.63 18.45
N SER A 269 4.40 -12.37 18.41
CA SER A 269 5.77 -11.97 18.51
C SER A 269 6.15 -11.60 19.97
N THR A 270 7.41 -11.29 20.15
CA THR A 270 7.92 -10.80 21.40
C THR A 270 8.22 -9.31 21.41
N VAL A 271 7.66 -8.55 20.41
CA VAL A 271 8.01 -7.16 20.30
C VAL A 271 7.51 -6.41 21.52
N PRO A 272 8.35 -5.57 22.18
CA PRO A 272 7.90 -4.94 23.42
C PRO A 272 6.61 -4.08 23.33
N CYS A 273 6.37 -3.43 22.21
CA CYS A 273 5.10 -2.69 22.12
C CYS A 273 3.89 -3.63 22.25
N MET A 274 4.05 -4.93 21.96
CA MET A 274 2.95 -5.86 22.05
C MET A 274 2.66 -6.19 23.47
N GLU A 275 3.67 -6.22 24.32
CA GLU A 275 3.46 -6.34 25.71
C GLU A 275 2.71 -5.18 26.36
N TRP A 276 3.01 -3.99 25.89
CA TRP A 276 2.25 -2.77 26.28
C TRP A 276 0.76 -2.91 25.87
N LEU A 277 0.53 -3.34 24.62
CA LEU A 277 -0.80 -3.47 24.14
C LEU A 277 -1.61 -4.47 24.92
N ASP A 278 -0.94 -5.58 25.39
CA ASP A 278 -1.60 -6.59 26.15
C ASP A 278 -2.15 -6.04 27.45
N LYS A 279 -1.58 -5.00 27.97
CA LYS A 279 -2.02 -4.46 29.27
C LYS A 279 -3.20 -3.46 29.09
N GLN A 280 -3.54 -3.09 27.84
CA GLN A 280 -4.59 -2.09 27.68
C GLN A 280 -5.96 -2.76 27.54
N PRO A 281 -7.05 -2.01 27.90
CA PRO A 281 -8.33 -2.61 27.79
C PRO A 281 -8.88 -2.88 26.37
N PRO A 282 -9.86 -3.75 26.15
CA PRO A 282 -10.31 -4.11 24.78
C PRO A 282 -10.77 -2.86 24.01
N ARG A 283 -10.32 -2.75 22.75
CA ARG A 283 -10.77 -1.66 21.86
C ARG A 283 -10.49 -0.31 22.39
N SER A 284 -9.44 -0.14 23.16
CA SER A 284 -9.09 1.12 23.78
C SER A 284 -8.07 1.96 23.06
N VAL A 285 -7.23 1.33 22.24
CA VAL A 285 -6.02 1.96 21.78
C VAL A 285 -6.17 2.51 20.37
N VAL A 286 -5.60 3.69 20.16
CA VAL A 286 -5.41 4.28 18.83
C VAL A 286 -4.05 3.97 18.31
N LEU A 287 -3.92 3.19 17.22
CA LEU A 287 -2.65 3.07 16.51
C LEU A 287 -2.48 4.27 15.61
N VAL A 288 -1.24 4.84 15.51
CA VAL A 288 -1.00 6.03 14.71
C VAL A 288 0.17 5.87 13.85
N SER A 289 0.00 5.97 12.58
CA SER A 289 1.14 5.93 11.67
C SER A 289 0.87 6.75 10.44
N TYR A 290 1.91 7.40 9.89
CA TYR A 290 1.74 8.07 8.58
C TYR A 290 2.62 7.44 7.51
N GLY A 291 3.12 6.25 7.81
CA GLY A 291 3.77 5.39 6.84
C GLY A 291 5.27 5.63 6.87
N VAL A 292 5.88 5.01 5.87
CA VAL A 292 7.37 5.00 5.79
C VAL A 292 7.89 6.03 4.82
N VAL A 293 7.01 6.68 4.08
CA VAL A 293 7.49 7.61 3.05
C VAL A 293 7.37 9.11 3.39
N SER A 294 6.20 9.54 3.84
CA SER A 294 5.93 10.96 4.01
C SER A 294 6.75 11.44 5.21
N THR A 295 7.07 12.74 5.21
CA THR A 295 7.73 13.37 6.34
C THR A 295 6.87 14.47 6.91
N PHE A 296 6.89 14.60 8.22
CA PHE A 296 6.10 15.58 8.94
C PHE A 296 7.12 16.56 9.59
N ASP A 297 6.92 17.85 9.41
CA ASP A 297 7.78 18.82 10.08
C ASP A 297 7.43 18.91 11.53
N VAL A 298 8.29 19.61 12.30
CA VAL A 298 8.11 19.74 13.75
C VAL A 298 6.71 20.21 14.07
N ALA A 299 6.19 21.20 13.35
CA ALA A 299 4.85 21.77 13.68
C ALA A 299 3.76 20.69 13.48
N LYS A 300 3.88 19.87 12.43
CA LYS A 300 2.80 18.88 12.18
C LYS A 300 2.89 17.78 13.24
N LEU A 301 4.06 17.33 13.63
CA LEU A 301 4.25 16.42 14.70
C LEU A 301 3.67 16.95 16.00
N GLU A 302 3.86 18.26 16.24
CA GLU A 302 3.29 18.85 17.42
C GLU A 302 1.76 18.81 17.43
N GLU A 303 1.14 19.09 16.36
CA GLU A 303 -0.30 19.06 16.33
C GLU A 303 -0.80 17.61 16.50
N LEU A 304 -0.12 16.70 15.80
CA LEU A 304 -0.52 15.28 15.85
C LEU A 304 -0.38 14.72 17.25
N GLY A 305 0.78 14.92 17.88
CA GLY A 305 1.02 14.34 19.18
C GLY A 305 0.15 14.97 20.26
N ASN A 306 0.02 16.32 20.22
CA ASN A 306 -0.90 16.98 21.18
C ASN A 306 -2.34 16.54 21.01
N GLY A 307 -2.76 16.33 19.77
CA GLY A 307 -4.15 15.80 19.52
C GLY A 307 -4.30 14.43 20.19
N LEU A 308 -3.31 13.58 20.05
CA LEU A 308 -3.36 12.29 20.67
C LEU A 308 -3.43 12.34 22.18
N CYS A 309 -2.61 13.19 22.76
CA CYS A 309 -2.67 13.28 24.22
C CYS A 309 -4.01 13.90 24.70
N ASN A 310 -4.46 14.90 23.92
CA ASN A 310 -5.70 15.64 24.34
C ASN A 310 -6.93 14.69 24.20
N SER A 311 -6.86 13.62 23.40
CA SER A 311 -7.98 12.69 23.27
C SER A 311 -8.24 11.88 24.49
N GLY A 312 -7.21 11.72 25.35
CA GLY A 312 -7.37 10.88 26.47
C GLY A 312 -7.32 9.37 26.32
N LYS A 313 -7.09 8.95 25.08
CA LYS A 313 -7.07 7.55 24.79
C LYS A 313 -5.61 7.00 24.95
N PRO A 314 -5.49 5.70 25.30
CA PRO A 314 -4.21 5.11 25.06
C PRO A 314 -3.83 5.08 23.59
N PHE A 315 -2.57 5.21 23.23
CA PHE A 315 -2.16 5.27 21.81
C PHE A 315 -0.79 4.70 21.62
N LEU A 316 -0.57 4.10 20.46
CA LEU A 316 0.70 3.56 20.03
C LEU A 316 1.08 4.36 18.83
N TRP A 317 2.08 5.22 18.97
CA TRP A 317 2.44 6.18 17.93
C TRP A 317 3.71 5.75 17.25
N VAL A 318 3.67 5.44 15.97
CA VAL A 318 4.86 5.08 15.28
C VAL A 318 5.48 6.36 14.72
N VAL A 319 6.69 6.67 15.24
CA VAL A 319 7.44 7.83 14.71
C VAL A 319 8.83 7.24 14.31
N ARG A 320 9.05 7.23 13.02
CA ARG A 320 10.20 6.52 12.42
C ARG A 320 11.48 7.07 13.03
N SER A 321 12.48 6.22 13.00
CA SER A 321 13.80 6.65 13.49
C SER A 321 14.30 7.91 12.77
N ASN A 322 14.05 8.03 11.49
CA ASN A 322 14.50 9.17 10.72
C ASN A 322 13.67 10.42 10.84
N GLU A 323 12.58 10.40 11.66
CA GLU A 323 11.74 11.52 11.95
C GLU A 323 11.81 11.93 13.41
N GLU A 324 12.25 11.05 14.26
CA GLU A 324 12.10 11.24 15.70
C GLU A 324 12.95 12.36 16.33
N HIS A 325 13.93 12.85 15.58
CA HIS A 325 14.69 14.04 16.03
C HIS A 325 13.79 15.27 16.15
N LYS A 326 12.64 15.26 15.46
CA LYS A 326 11.68 16.32 15.39
C LYS A 326 10.72 16.34 16.60
N LEU A 327 10.78 15.32 17.40
CA LEU A 327 9.99 15.23 18.61
C LEU A 327 10.68 15.83 19.82
N SER A 328 10.02 16.81 20.41
CA SER A 328 10.56 17.52 21.61
C SER A 328 10.57 16.68 22.82
N VAL A 329 11.42 16.94 23.80
CA VAL A 329 11.35 16.32 25.10
C VAL A 329 9.97 16.44 25.76
N GLN A 330 9.39 17.65 25.75
CA GLN A 330 8.18 17.86 26.47
C GLN A 330 6.96 17.14 25.78
N LEU A 331 7.07 17.00 24.47
CA LEU A 331 5.94 16.26 23.82
C LEU A 331 6.09 14.80 24.10
N ARG A 332 7.32 14.24 24.03
CA ARG A 332 7.47 12.90 24.44
C ARG A 332 7.03 12.63 25.82
N LYS A 333 7.36 13.55 26.78
CA LYS A 333 6.93 13.33 28.15
C LYS A 333 5.39 13.34 28.33
N LYS A 334 4.78 14.19 27.59
CA LYS A 334 3.32 14.31 27.58
C LYS A 334 2.65 13.01 27.10
N CYS A 335 3.36 12.40 26.13
CA CYS A 335 2.88 11.11 25.57
C CYS A 335 3.08 9.93 26.54
N GLU A 336 3.91 10.05 27.59
CA GLU A 336 4.11 8.94 28.58
C GLU A 336 2.97 8.63 29.40
N LYS A 337 2.03 9.58 29.58
CA LYS A 337 0.88 9.38 30.43
C LYS A 337 0.06 8.19 30.01
N ARG A 338 -0.32 8.17 28.71
CA ARG A 338 -1.18 7.13 28.17
C ARG A 338 -0.64 6.54 26.93
N GLY A 339 0.42 7.04 26.35
CA GLY A 339 0.89 6.54 25.06
C GLY A 339 2.21 5.83 25.07
N LEU A 340 2.63 5.28 23.96
CA LEU A 340 3.89 4.66 23.70
C LEU A 340 4.35 5.09 22.33
N ILE A 341 5.56 5.59 22.16
CA ILE A 341 6.14 5.97 20.92
C ILE A 341 7.19 4.94 20.53
N VAL A 342 7.08 4.38 19.36
CA VAL A 342 8.00 3.39 18.74
C VAL A 342 8.41 3.74 17.37
N PRO A 343 9.62 3.24 16.89
CA PRO A 343 10.08 3.56 15.55
C PRO A 343 9.50 2.72 14.41
N PHE A 344 8.91 1.66 14.86
CA PHE A 344 8.31 0.65 13.97
C PHE A 344 7.52 -0.30 14.86
N CYS A 345 6.43 -0.81 14.29
CA CYS A 345 5.67 -1.82 14.98
C CYS A 345 5.29 -3.00 14.06
N PRO A 346 4.88 -4.17 14.61
CA PRO A 346 4.39 -5.22 13.71
C PRO A 346 2.93 -4.90 13.45
N GLN A 347 2.71 -4.14 12.35
CA GLN A 347 1.45 -3.47 12.18
C GLN A 347 0.23 -4.42 12.05
N LEU A 348 0.36 -5.54 11.35
CA LEU A 348 -0.71 -6.51 11.28
C LEU A 348 -1.05 -7.11 12.63
N GLU A 349 0.03 -7.41 13.38
CA GLU A 349 -0.22 -7.97 14.73
C GLU A 349 -0.87 -7.00 15.69
N VAL A 350 -0.50 -5.72 15.56
CA VAL A 350 -1.19 -4.66 16.29
C VAL A 350 -2.66 -4.57 15.92
N LEU A 351 -2.93 -4.46 14.62
CA LEU A 351 -4.29 -4.33 14.17
C LEU A 351 -5.22 -5.48 14.54
N ALA A 352 -4.61 -6.69 14.68
CA ALA A 352 -5.33 -7.89 15.11
C ALA A 352 -5.54 -7.98 16.61
N HIS A 353 -4.89 -7.13 17.36
CA HIS A 353 -4.90 -7.23 18.82
C HIS A 353 -6.22 -6.76 19.39
N LYS A 354 -6.73 -7.44 20.42
CA LYS A 354 -7.94 -7.10 21.06
C LYS A 354 -7.98 -5.74 21.67
N ALA A 355 -6.85 -5.14 22.01
CA ALA A 355 -6.82 -3.81 22.58
C ALA A 355 -7.00 -2.68 21.55
N THR A 356 -6.87 -3.00 20.25
CA THR A 356 -6.88 -1.94 19.26
C THR A 356 -8.25 -1.47 18.95
N GLY A 357 -8.52 -0.16 19.10
CA GLY A 357 -9.83 0.46 18.84
C GLY A 357 -10.00 1.18 17.55
N CYS A 358 -8.95 1.78 17.06
CA CYS A 358 -8.98 2.47 15.82
C CYS A 358 -7.59 2.74 15.30
N PHE A 359 -7.48 3.14 14.04
CA PHE A 359 -6.24 3.36 13.41
C PHE A 359 -6.25 4.73 12.75
N LEU A 360 -5.42 5.65 13.27
CA LEU A 360 -5.23 6.98 12.66
C LEU A 360 -4.06 6.81 11.73
N SER A 361 -4.42 6.75 10.43
CA SER A 361 -3.55 6.35 9.37
C SER A 361 -3.53 7.34 8.23
N HIS A 362 -2.41 7.43 7.55
CA HIS A 362 -2.36 8.16 6.27
C HIS A 362 -3.19 7.47 5.17
N CYS A 363 -3.63 6.24 5.36
CA CYS A 363 -4.48 5.61 4.40
C CYS A 363 -3.77 5.34 3.08
N GLY A 364 -2.52 4.97 3.20
CA GLY A 364 -1.87 4.22 2.11
C GLY A 364 -2.66 2.88 1.94
N TRP A 365 -2.58 2.29 0.75
CA TRP A 365 -3.38 1.09 0.50
C TRP A 365 -3.01 -0.09 1.39
N ASN A 366 -1.70 -0.34 1.60
CA ASN A 366 -1.41 -1.50 2.47
C ASN A 366 -2.00 -1.27 3.83
N SER A 367 -1.82 -0.10 4.43
CA SER A 367 -2.40 0.13 5.75
C SER A 367 -3.89 0.02 5.76
N THR A 368 -4.60 0.46 4.71
CA THR A 368 -5.99 0.42 4.64
C THR A 368 -6.49 -1.08 4.54
N LEU A 369 -5.86 -1.87 3.67
CA LEU A 369 -6.18 -3.26 3.61
C LEU A 369 -5.98 -4.02 4.90
N GLU A 370 -4.90 -3.66 5.57
CA GLU A 370 -4.59 -4.31 6.87
C GLU A 370 -5.64 -3.96 7.93
N ALA A 371 -6.10 -2.70 7.90
CA ALA A 371 -7.20 -2.33 8.78
C ALA A 371 -8.48 -3.07 8.44
N ILE A 372 -8.83 -3.16 7.14
CA ILE A 372 -10.03 -3.89 6.73
C ILE A 372 -9.98 -5.36 7.18
N VAL A 373 -8.86 -6.07 6.96
CA VAL A 373 -8.79 -7.47 7.26
C VAL A 373 -8.96 -7.77 8.73
N ASN A 374 -8.66 -6.73 9.55
CA ASN A 374 -8.85 -6.80 10.97
C ASN A 374 -10.08 -6.13 11.55
N GLY A 375 -10.93 -5.55 10.66
CA GLY A 375 -12.12 -4.90 11.11
C GLY A 375 -11.89 -3.69 11.96
N VAL A 376 -10.83 -2.95 11.68
CA VAL A 376 -10.45 -1.75 12.52
C VAL A 376 -10.94 -0.44 11.86
N PRO A 377 -11.72 0.35 12.55
CA PRO A 377 -12.17 1.65 12.04
C PRO A 377 -11.00 2.62 11.91
N LEU A 378 -11.16 3.52 10.92
CA LEU A 378 -10.10 4.41 10.49
C LEU A 378 -10.38 5.89 10.80
N VAL A 379 -9.28 6.56 11.17
CA VAL A 379 -9.20 8.07 11.08
C VAL A 379 -8.18 8.32 10.02
N ALA A 380 -8.65 8.88 8.88
CA ALA A 380 -7.84 9.07 7.71
C ALA A 380 -7.16 10.46 7.69
N MET A 381 -5.86 10.45 7.52
CA MET A 381 -4.98 11.67 7.48
C MET A 381 -4.10 11.61 6.23
N PRO A 382 -4.76 11.67 5.04
CA PRO A 382 -4.00 11.41 3.81
C PRO A 382 -2.98 12.52 3.45
N HIS A 383 -1.98 12.17 2.68
CA HIS A 383 -0.99 13.18 2.16
C HIS A 383 -1.13 13.27 0.60
N TRP A 384 -0.81 12.17 -0.10
CA TRP A 384 -0.73 12.22 -1.51
C TRP A 384 -0.88 10.83 -2.15
N ALA A 385 -0.51 10.60 -3.39
CA ALA A 385 -0.48 9.27 -3.99
C ALA A 385 -1.93 8.78 -4.04
N ASP A 386 -2.19 7.62 -3.42
CA ASP A 386 -3.47 7.03 -3.47
C ASP A 386 -4.29 7.41 -2.25
N GLN A 387 -3.69 8.19 -1.33
CA GLN A 387 -4.30 8.36 -0.02
C GLN A 387 -5.51 9.25 0.00
N PRO A 388 -5.54 10.41 -0.72
CA PRO A 388 -6.79 11.16 -0.71
C PRO A 388 -8.02 10.40 -1.24
N THR A 389 -7.80 9.64 -2.35
CA THR A 389 -8.87 8.89 -2.91
C THR A 389 -9.37 7.77 -1.95
N ILE A 390 -8.38 7.03 -1.44
CA ILE A 390 -8.77 6.00 -0.43
C ILE A 390 -9.55 6.61 0.74
N SER A 391 -9.12 7.76 1.20
CA SER A 391 -9.75 8.40 2.38
C SER A 391 -11.19 8.78 2.05
N LYS A 392 -11.51 9.25 0.81
CA LYS A 392 -12.88 9.49 0.42
C LYS A 392 -13.76 8.22 0.41
N TYR A 393 -13.22 7.12 -0.08
CA TYR A 393 -13.90 5.82 -0.04
C TYR A 393 -14.22 5.40 1.42
N VAL A 394 -13.20 5.51 2.24
CA VAL A 394 -13.36 5.19 3.65
C VAL A 394 -14.42 5.91 4.32
N GLU A 395 -14.54 7.22 4.09
CA GLU A 395 -15.60 7.95 4.73
C GLU A 395 -16.94 7.95 4.04
N SER A 396 -16.96 7.91 2.72
CA SER A 396 -18.20 8.14 2.02
C SER A 396 -18.82 7.02 1.29
N LEU A 397 -18.13 5.94 1.02
CA LEU A 397 -18.73 4.77 0.47
C LEU A 397 -18.72 3.60 1.45
N TRP A 398 -17.53 3.27 1.92
CA TRP A 398 -17.31 2.12 2.83
C TRP A 398 -17.90 2.44 4.20
N GLY A 399 -17.82 3.69 4.68
CA GLY A 399 -18.44 4.05 5.96
C GLY A 399 -17.64 3.53 7.15
N MET A 400 -16.34 3.28 7.01
CA MET A 400 -15.57 2.65 8.06
C MET A 400 -14.74 3.61 8.85
N GLY A 401 -14.95 4.90 8.66
CA GLY A 401 -14.21 5.90 9.47
C GLY A 401 -14.46 7.29 8.96
N VAL A 402 -13.60 8.22 9.43
CA VAL A 402 -13.74 9.63 9.09
C VAL A 402 -12.44 10.17 8.60
N ARG A 403 -12.45 11.29 7.86
CA ARG A 403 -11.27 11.90 7.39
C ARG A 403 -11.04 13.21 8.16
N VAL A 404 -9.79 13.47 8.54
CA VAL A 404 -9.51 14.74 9.22
C VAL A 404 -9.78 15.92 8.26
N GLN A 405 -10.32 17.02 8.81
CA GLN A 405 -10.61 18.24 7.97
C GLN A 405 -9.48 19.26 8.28
N LEU A 406 -8.80 19.66 7.24
CA LEU A 406 -7.76 20.71 7.31
C LEU A 406 -8.47 22.12 7.37
N ASP A 407 -7.82 23.05 8.03
CA ASP A 407 -8.36 24.44 8.15
C ASP A 407 -8.15 25.14 6.79
N LYS A 408 -8.63 26.37 6.73
CA LYS A 408 -8.58 27.17 5.48
C LYS A 408 -7.22 27.31 4.87
N SER A 409 -6.16 27.24 5.67
CA SER A 409 -4.80 27.32 5.15
C SER A 409 -4.07 25.98 5.07
N GLY A 410 -4.82 24.86 5.04
CA GLY A 410 -4.23 23.53 4.80
C GLY A 410 -3.56 22.88 6.01
N ILE A 411 -3.81 23.40 7.22
CA ILE A 411 -3.12 22.90 8.40
C ILE A 411 -4.01 21.96 9.20
N LEU A 412 -3.41 20.83 9.61
CA LEU A 412 -4.12 19.93 10.51
C LEU A 412 -3.92 20.40 11.98
N GLN A 413 -5.02 20.77 12.58
CA GLN A 413 -4.98 21.29 13.93
C GLN A 413 -5.11 20.18 14.98
N ARG A 414 -4.49 20.31 16.14
CA ARG A 414 -4.68 19.36 17.23
C ARG A 414 -6.12 19.15 17.61
N GLU A 415 -6.93 20.21 17.54
CA GLU A 415 -8.33 20.09 17.85
C GLU A 415 -9.07 19.12 16.90
N GLU A 416 -8.64 19.12 15.65
CA GLU A 416 -9.29 18.27 14.64
C GLU A 416 -8.79 16.81 14.81
N VAL A 417 -7.54 16.63 15.10
CA VAL A 417 -7.00 15.27 15.38
C VAL A 417 -7.82 14.66 16.51
N GLU A 418 -7.97 15.40 17.60
CA GLU A 418 -8.70 14.96 18.74
C GLU A 418 -10.18 14.65 18.42
N ARG A 419 -10.83 15.61 17.69
CA ARG A 419 -12.25 15.51 17.35
C ARG A 419 -12.48 14.18 16.62
N CYS A 420 -11.60 13.93 15.69
CA CYS A 420 -11.80 12.70 14.82
C CYS A 420 -11.59 11.41 15.59
N ILE A 421 -10.61 11.32 16.47
CA ILE A 421 -10.43 10.22 17.33
C ILE A 421 -11.66 9.99 18.19
N ARG A 422 -12.13 11.06 18.85
CA ARG A 422 -13.32 10.91 19.64
C ARG A 422 -14.55 10.55 18.79
N GLU A 423 -14.64 11.08 17.60
CA GLU A 423 -15.81 10.78 16.72
C GLU A 423 -15.91 9.28 16.35
N VAL A 424 -14.73 8.65 16.13
CA VAL A 424 -14.77 7.21 15.84
C VAL A 424 -14.89 6.36 17.01
N MET A 425 -14.32 6.75 18.16
CA MET A 425 -14.31 5.91 19.34
C MET A 425 -15.53 6.10 20.24
N ASP A 426 -16.15 7.29 20.20
CA ASP A 426 -17.24 7.68 21.12
C ASP A 426 -18.40 8.33 20.43
N GLY A 427 -18.41 8.53 19.18
CA GLY A 427 -19.55 9.37 18.68
C GLY A 427 -20.96 8.63 18.64
N ASP A 428 -22.07 9.37 18.41
CA ASP A 428 -23.32 8.76 18.00
C ASP A 428 -23.12 7.78 16.85
N ARG A 429 -22.11 7.95 16.05
CA ARG A 429 -21.87 7.08 14.91
C ARG A 429 -20.80 6.00 15.08
N LYS A 430 -20.30 5.81 16.28
CA LYS A 430 -19.30 4.83 16.61
C LYS A 430 -19.65 3.48 16.02
N GLU A 431 -20.92 3.09 16.24
CA GLU A 431 -21.28 1.71 15.81
C GLU A 431 -21.37 1.64 14.28
N ASP A 432 -21.59 2.70 13.60
CA ASP A 432 -21.70 2.73 12.15
C ASP A 432 -20.29 2.37 11.58
N TYR A 433 -19.24 2.94 12.14
CA TYR A 433 -17.88 2.72 11.57
C TYR A 433 -17.45 1.32 11.84
N ARG A 434 -17.75 0.79 13.05
CA ARG A 434 -17.46 -0.54 13.42
C ARG A 434 -18.17 -1.63 12.54
N ARG A 435 -19.44 -1.30 12.37
CA ARG A 435 -20.32 -2.19 11.55
C ARG A 435 -19.74 -2.38 10.12
N ASN A 436 -19.37 -1.26 9.53
CA ASN A 436 -18.79 -1.32 8.19
C ASN A 436 -17.44 -1.96 8.12
N ALA A 437 -16.56 -1.65 9.12
CA ALA A 437 -15.26 -2.31 9.18
C ALA A 437 -15.42 -3.86 9.27
N THR A 438 -16.36 -4.32 10.13
CA THR A 438 -16.58 -5.73 10.32
C THR A 438 -17.10 -6.40 9.03
N ARG A 439 -18.05 -5.70 8.43
CA ARG A 439 -18.68 -6.20 7.16
C ARG A 439 -17.64 -6.46 6.10
N LEU A 440 -16.79 -5.48 5.92
CA LEU A 440 -15.70 -5.52 4.92
C LEU A 440 -14.63 -6.54 5.25
N MET A 441 -14.33 -6.66 6.55
CA MET A 441 -13.43 -7.69 7.03
C MET A 441 -13.87 -9.08 6.56
N LYS A 442 -15.18 -9.35 6.74
CA LYS A 442 -15.68 -10.67 6.38
C LYS A 442 -15.55 -10.90 4.89
N LYS A 443 -15.89 -9.89 4.07
CA LYS A 443 -15.79 -10.06 2.67
C LYS A 443 -14.37 -10.17 2.15
N ALA A 444 -13.41 -9.50 2.84
CA ALA A 444 -12.01 -9.66 2.48
C ALA A 444 -11.55 -11.08 2.75
N LYS A 445 -11.94 -11.63 3.90
CA LYS A 445 -11.56 -13.04 4.17
C LYS A 445 -12.20 -13.97 3.17
N GLU A 446 -13.49 -13.81 2.82
CA GLU A 446 -14.18 -14.63 1.85
C GLU A 446 -13.41 -14.64 0.55
N SER A 447 -12.93 -13.47 0.15
CA SER A 447 -12.30 -13.34 -1.20
C SER A 447 -11.06 -14.18 -1.34
N MET A 448 -10.30 -14.31 -0.25
CA MET A 448 -9.00 -15.05 -0.26
C MET A 448 -9.10 -16.51 0.17
N GLN A 449 -10.20 -16.87 0.75
CA GLN A 449 -10.42 -18.28 1.14
C GLN A 449 -10.74 -19.05 -0.12
N GLU A 450 -10.64 -20.41 0.00
CA GLU A 450 -10.97 -21.20 -1.13
C GLU A 450 -12.32 -20.97 -1.71
N GLY A 451 -12.33 -20.77 -3.02
CA GLY A 451 -13.52 -20.42 -3.78
C GLY A 451 -13.85 -18.93 -3.92
N GLY A 452 -13.12 -18.11 -3.18
CA GLY A 452 -13.35 -16.67 -3.23
C GLY A 452 -12.88 -16.03 -4.50
N SER A 453 -13.32 -14.83 -4.80
CA SER A 453 -13.03 -14.18 -6.05
C SER A 453 -11.55 -13.98 -6.29
N SER A 454 -10.81 -13.60 -5.26
CA SER A 454 -9.37 -13.45 -5.44
C SER A 454 -8.65 -14.77 -5.49
N ASP A 455 -8.95 -15.70 -4.63
CA ASP A 455 -8.41 -17.05 -4.65
C ASP A 455 -8.56 -17.66 -6.06
N LYS A 456 -9.68 -17.48 -6.70
CA LYS A 456 -9.85 -18.06 -8.06
C LYS A 456 -8.82 -17.52 -9.04
N ASN A 457 -8.54 -16.20 -8.94
CA ASN A 457 -7.60 -15.59 -9.83
C ASN A 457 -6.20 -16.06 -9.56
N ILE A 458 -5.84 -16.28 -8.31
CA ILE A 458 -4.52 -16.79 -7.93
C ILE A 458 -4.34 -18.20 -8.49
N ALA A 459 -5.38 -19.02 -8.32
CA ALA A 459 -5.32 -20.38 -8.83
C ALA A 459 -5.19 -20.43 -10.28
N GLU A 460 -5.87 -19.57 -11.00
CA GLU A 460 -5.75 -19.48 -12.46
C GLU A 460 -4.33 -19.21 -12.87
N PHE A 461 -3.74 -18.20 -12.22
CA PHE A 461 -2.37 -17.83 -12.53
C PHE A 461 -1.39 -18.93 -12.26
N ALA A 462 -1.52 -19.59 -11.15
CA ALA A 462 -0.59 -20.68 -10.71
C ALA A 462 -0.68 -21.77 -11.79
N ALA A 463 -1.88 -22.10 -12.23
CA ALA A 463 -1.96 -23.17 -13.25
C ALA A 463 -1.35 -22.79 -14.56
N LYS A 464 -1.51 -21.56 -14.98
CA LYS A 464 -0.97 -21.01 -16.20
C LYS A 464 0.51 -21.19 -16.28
N TYR A 465 1.20 -21.01 -15.14
CA TYR A 465 2.65 -20.97 -15.07
C TYR A 465 3.25 -22.23 -14.47
N SER A 466 2.43 -23.26 -14.40
CA SER A 466 2.89 -24.61 -13.95
C SER A 466 3.29 -25.42 -15.21
N1 UDP B . 4.64 -1.59 8.39
C2 UDP B . 4.71 -0.19 8.42
N3 UDP B . 4.99 0.60 9.47
C4 UDP B . 5.33 -0.17 10.61
C5 UDP B . 5.22 -1.54 10.55
C6 UDP B . 4.84 -2.42 9.47
O2 UDP B . 4.44 0.41 7.36
O4 UDP B . 5.66 0.45 11.68
C1' UDP B . 4.24 -2.35 7.22
C2' UDP B . 2.72 -2.09 6.92
O2' UDP B . 1.93 -3.04 7.65
C3' UDP B . 2.57 -2.31 5.40
C4' UDP B . 3.94 -1.90 4.85
O4' UDP B . 4.87 -1.85 6.00
O3' UDP B . 2.53 -3.67 5.10
C5' UDP B . 3.97 -0.60 4.20
O5' UDP B . 3.33 0.32 5.04
PA UDP B . 2.90 1.78 4.68
O1A UDP B . 4.08 2.76 4.23
O2A UDP B . 1.94 2.37 5.63
O3A UDP B . 2.02 1.42 3.35
PB UDP B . 0.89 2.05 2.64
O1B UDP B . 1.20 3.62 2.37
O2B UDP B . -0.19 1.91 3.69
O3B UDP B . 0.60 1.44 1.35
#